data_2FA5
#
_entry.id   2FA5
#
_cell.length_a   71.420
_cell.length_b   71.420
_cell.length_c   110.290
_cell.angle_alpha   90.00
_cell.angle_beta   90.00
_cell.angle_gamma   120.00
#
_symmetry.space_group_name_H-M   'P 32 2 1'
#
loop_
_entity.id
_entity.type
_entity.pdbx_description
1 polymer 'transcriptional regulator marR/emrR family'
2 non-polymer 'CHLORIDE ION'
3 water water
#
_entity_poly.entity_id   1
_entity_poly.type   'polypeptide(L)'
_entity_poly.pdbx_seq_one_letter_code
;(MSE)SDLDTPTPSPHPVLLNLEQFLPYRLSVLSNRISGNIAKVYGDRYG(MSE)AIPEWRVITILALYPGSSASEVSDR
TA(MSE)DKVAVSRAVARLLERGFIRRETHGDDRRRS(MSE)LALSPAGRQVYETVAPLVNE(MSE)EQRL(MSE)SVFS
AEEQQTLERLIDRLAKDGLPR(MSE)ASKD
;
_entity_poly.pdbx_strand_id   A,B
#
# COMPACT_ATOMS: atom_id res chain seq x y z
N HIS A 12 -9.74 1.73 28.35
CA HIS A 12 -9.82 1.42 26.90
C HIS A 12 -8.59 0.65 26.46
N PRO A 13 -8.68 -0.69 26.43
CA PRO A 13 -7.55 -1.53 26.03
C PRO A 13 -7.25 -1.47 24.54
N VAL A 14 -5.97 -1.65 24.20
CA VAL A 14 -5.55 -1.66 22.81
C VAL A 14 -5.64 -3.14 22.39
N LEU A 15 -6.51 -3.42 21.43
CA LEU A 15 -6.72 -4.79 20.96
C LEU A 15 -5.86 -5.13 19.76
N LEU A 16 -5.43 -4.09 19.04
CA LEU A 16 -4.60 -4.28 17.86
C LEU A 16 -3.28 -3.52 18.07
N ASN A 17 -2.24 -4.24 18.45
CA ASN A 17 -0.93 -3.64 18.69
C ASN A 17 -0.21 -3.40 17.37
N LEU A 18 -0.65 -2.36 16.67
CA LEU A 18 -0.11 -1.99 15.36
C LEU A 18 1.39 -2.03 15.17
N GLU A 19 2.14 -1.44 16.10
CA GLU A 19 3.59 -1.40 15.96
C GLU A 19 4.23 -2.77 15.77
N GLN A 20 3.56 -3.83 16.22
CA GLN A 20 4.10 -5.17 16.06
C GLN A 20 3.17 -6.04 15.21
N PHE A 21 2.22 -5.40 14.54
CA PHE A 21 1.24 -6.08 13.70
C PHE A 21 1.77 -6.15 12.26
N LEU A 22 2.14 -7.35 11.82
CA LEU A 22 2.70 -7.55 10.47
C LEU A 22 2.00 -6.81 9.33
N PRO A 23 0.66 -6.94 9.21
CA PRO A 23 -0.04 -6.25 8.12
C PRO A 23 0.24 -4.74 8.11
N TYR A 24 0.32 -4.17 9.29
CA TYR A 24 0.57 -2.74 9.43
C TYR A 24 2.02 -2.44 9.05
N ARG A 25 2.95 -3.21 9.61
CA ARG A 25 4.37 -3.03 9.33
C ARG A 25 4.64 -3.11 7.83
N LEU A 26 4.01 -4.07 7.17
CA LEU A 26 4.19 -4.23 5.73
C LEU A 26 3.60 -3.05 4.96
N SER A 27 2.39 -2.65 5.35
CA SER A 27 1.70 -1.54 4.71
C SER A 27 2.50 -0.25 4.82
N VAL A 28 2.97 0.06 6.02
CA VAL A 28 3.75 1.26 6.24
C VAL A 28 5.05 1.26 5.42
N LEU A 29 5.78 0.14 5.46
CA LEU A 29 7.03 0.06 4.71
C LEU A 29 6.79 0.23 3.21
N SER A 30 5.75 -0.42 2.71
CA SER A 30 5.41 -0.33 1.28
C SER A 30 5.07 1.11 0.91
N ASN A 31 4.29 1.77 1.76
CA ASN A 31 3.91 3.16 1.52
C ASN A 31 5.13 4.09 1.52
N ARG A 32 6.08 3.84 2.42
CA ARG A 32 7.28 4.67 2.49
C ARG A 32 8.18 4.44 1.28
N ILE A 33 8.32 3.18 0.87
CA ILE A 33 9.13 2.87 -0.31
C ILE A 33 8.49 3.58 -1.52
N SER A 34 7.17 3.44 -1.67
CA SER A 34 6.47 4.08 -2.79
C SER A 34 6.56 5.61 -2.74
N GLY A 35 6.51 6.17 -1.54
CA GLY A 35 6.61 7.61 -1.38
C GLY A 35 7.97 8.14 -1.82
N ASN A 36 9.02 7.39 -1.53
CA ASN A 36 10.36 7.81 -1.93
C ASN A 36 10.51 7.70 -3.45
N ILE A 37 9.93 6.65 -4.02
CA ILE A 37 9.99 6.47 -5.47
C ILE A 37 9.14 7.55 -6.13
N ALA A 38 8.05 7.93 -5.46
CA ALA A 38 7.13 8.94 -5.98
C ALA A 38 7.75 10.31 -6.17
N LYS A 39 8.88 10.56 -5.50
CA LYS A 39 9.54 11.85 -5.64
C LYS A 39 10.13 12.01 -7.02
N VAL A 40 10.54 10.89 -7.62
CA VAL A 40 11.12 10.91 -8.96
C VAL A 40 10.17 11.52 -9.99
N TYR A 41 8.97 10.97 -10.09
CA TYR A 41 8.01 11.47 -11.06
C TYR A 41 7.13 12.57 -10.50
N GLY A 42 7.09 12.68 -9.17
CA GLY A 42 6.31 13.75 -8.56
C GLY A 42 7.02 15.04 -8.96
N ASP A 43 8.34 15.03 -8.88
CA ASP A 43 9.16 16.18 -9.23
C ASP A 43 9.20 16.43 -10.73
N ARG A 44 9.47 15.39 -11.51
CA ARG A 44 9.56 15.54 -12.95
C ARG A 44 8.26 15.80 -13.68
N TYR A 45 7.14 15.28 -13.19
CA TYR A 45 5.87 15.47 -13.87
C TYR A 45 4.63 15.87 -13.06
N GLY A 46 4.79 16.07 -11.75
CA GLY A 46 3.64 16.41 -10.94
C GLY A 46 2.62 15.29 -11.04
N ALA A 48 0.91 11.60 -9.55
CA ALA A 48 0.58 10.89 -8.32
C ALA A 48 0.91 9.40 -8.40
N ILE A 49 1.06 8.77 -7.25
CA ILE A 49 1.40 7.35 -7.17
C ILE A 49 0.55 6.42 -8.03
N PRO A 50 -0.78 6.50 -7.88
CA PRO A 50 -1.63 5.61 -8.70
C PRO A 50 -1.46 5.81 -10.20
N GLU A 51 -1.22 7.06 -10.61
CA GLU A 51 -1.02 7.37 -12.01
C GLU A 51 0.24 6.69 -12.54
N TRP A 52 1.33 6.78 -11.78
CA TRP A 52 2.57 6.12 -12.21
C TRP A 52 2.36 4.61 -12.33
N ARG A 53 1.72 4.01 -11.33
CA ARG A 53 1.49 2.57 -11.38
C ARG A 53 0.73 2.19 -12.65
N VAL A 54 -0.30 2.96 -13.00
CA VAL A 54 -1.04 2.67 -14.22
C VAL A 54 -0.12 2.73 -15.42
N ILE A 55 0.73 3.75 -15.48
CA ILE A 55 1.68 3.87 -16.58
C ILE A 55 2.55 2.63 -16.72
N THR A 56 3.10 2.17 -15.59
CA THR A 56 3.98 0.99 -15.62
C THR A 56 3.27 -0.28 -16.08
N ILE A 57 1.97 -0.38 -15.78
CA ILE A 57 1.19 -1.55 -16.18
C ILE A 57 0.91 -1.48 -17.68
N LEU A 58 0.46 -0.33 -18.14
CA LEU A 58 0.16 -0.16 -19.57
C LEU A 58 1.41 -0.26 -20.44
N ALA A 59 2.55 0.09 -19.87
CA ALA A 59 3.79 0.00 -20.63
C ALA A 59 4.11 -1.47 -20.88
N LEU A 60 3.89 -2.29 -19.85
CA LEU A 60 4.15 -3.73 -19.93
C LEU A 60 3.04 -4.50 -20.63
N TYR A 61 1.80 -4.06 -20.48
CA TYR A 61 0.67 -4.74 -21.10
C TYR A 61 -0.28 -3.79 -21.83
N PRO A 62 0.10 -3.36 -23.04
CA PRO A 62 -0.75 -2.44 -23.81
C PRO A 62 -2.13 -3.03 -24.05
N GLY A 63 -3.15 -2.17 -24.07
CA GLY A 63 -4.50 -2.64 -24.32
C GLY A 63 -5.31 -3.01 -23.08
N SER A 64 -4.65 -3.02 -21.92
CA SER A 64 -5.33 -3.35 -20.68
C SER A 64 -6.44 -2.36 -20.36
N SER A 65 -7.51 -2.84 -19.74
CA SER A 65 -8.62 -1.98 -19.36
C SER A 65 -8.38 -1.54 -17.91
N ALA A 66 -9.18 -0.59 -17.43
CA ALA A 66 -9.03 -0.13 -16.06
C ALA A 66 -9.24 -1.32 -15.12
N SER A 67 -10.23 -2.14 -15.44
CA SER A 67 -10.56 -3.31 -14.62
C SER A 67 -9.40 -4.30 -14.57
N GLU A 68 -8.73 -4.49 -15.70
CA GLU A 68 -7.60 -5.41 -15.76
C GLU A 68 -6.43 -4.89 -14.93
N VAL A 69 -6.25 -3.58 -14.93
CA VAL A 69 -5.19 -2.97 -14.15
C VAL A 69 -5.44 -3.23 -12.67
N SER A 70 -6.67 -3.00 -12.23
CA SER A 70 -7.06 -3.20 -10.84
C SER A 70 -6.84 -4.63 -10.35
N ASP A 71 -7.26 -5.61 -11.14
CA ASP A 71 -7.12 -7.00 -10.76
C ASP A 71 -5.67 -7.41 -10.58
N ARG A 72 -4.80 -6.90 -11.45
CA ARG A 72 -3.38 -7.22 -11.39
C ARG A 72 -2.70 -6.58 -10.18
N THR A 73 -3.04 -5.32 -9.89
CA THR A 73 -2.44 -4.59 -8.79
C THR A 73 -3.17 -4.67 -7.46
N ALA A 74 -4.42 -5.13 -7.47
CA ALA A 74 -5.22 -5.23 -6.26
C ALA A 74 -5.59 -3.84 -5.75
N ASP A 76 -7.70 -0.34 -5.50
CA ASP A 76 -9.13 -0.06 -5.50
C ASP A 76 -9.55 0.36 -6.91
N LYS A 77 -10.60 -0.26 -7.43
CA LYS A 77 -11.11 0.02 -8.77
C LYS A 77 -11.38 1.52 -9.02
N VAL A 78 -11.92 2.20 -8.01
CA VAL A 78 -12.22 3.63 -8.17
C VAL A 78 -10.95 4.46 -8.28
N ALA A 79 -9.91 4.08 -7.54
CA ALA A 79 -8.67 4.82 -7.59
C ALA A 79 -8.02 4.67 -8.96
N VAL A 80 -8.11 3.48 -9.53
CA VAL A 80 -7.52 3.23 -10.85
C VAL A 80 -8.31 4.00 -11.90
N SER A 81 -9.63 3.98 -11.79
CA SER A 81 -10.47 4.69 -12.75
C SER A 81 -10.16 6.17 -12.75
N ARG A 82 -10.04 6.76 -11.56
CA ARG A 82 -9.72 8.19 -11.46
C ARG A 82 -8.32 8.47 -12.00
N ALA A 83 -7.40 7.54 -11.77
CA ALA A 83 -6.03 7.70 -12.26
C ALA A 83 -6.04 7.70 -13.78
N VAL A 84 -6.80 6.77 -14.37
CA VAL A 84 -6.91 6.68 -15.82
C VAL A 84 -7.53 7.96 -16.37
N ALA A 85 -8.53 8.50 -15.66
CA ALA A 85 -9.17 9.73 -16.10
C ALA A 85 -8.13 10.87 -16.15
N ARG A 86 -7.35 11.00 -15.09
CA ARG A 86 -6.31 12.04 -15.02
C ARG A 86 -5.29 11.88 -16.14
N LEU A 87 -4.84 10.65 -16.38
CA LEU A 87 -3.86 10.38 -17.42
C LEU A 87 -4.39 10.66 -18.83
N LEU A 88 -5.68 10.42 -19.03
CA LEU A 88 -6.30 10.66 -20.35
C LEU A 88 -6.35 12.16 -20.57
N GLU A 89 -6.84 12.87 -19.56
CA GLU A 89 -6.96 14.33 -19.60
C GLU A 89 -5.62 15.00 -19.93
N ARG A 90 -4.56 14.48 -19.33
CA ARG A 90 -3.22 15.04 -19.54
C ARG A 90 -2.52 14.54 -20.81
N GLY A 91 -3.17 13.61 -21.52
CA GLY A 91 -2.60 13.10 -22.75
C GLY A 91 -1.48 12.08 -22.61
N PHE A 92 -1.34 11.45 -21.44
CA PHE A 92 -0.30 10.44 -21.22
C PHE A 92 -0.72 9.07 -21.75
N ILE A 93 -2.02 8.86 -21.84
CA ILE A 93 -2.53 7.60 -22.37
C ILE A 93 -3.67 7.94 -23.32
N ARG A 94 -4.03 6.98 -24.18
CA ARG A 94 -5.10 7.19 -25.14
C ARG A 94 -5.87 5.90 -25.37
N ARG A 95 -7.10 6.04 -25.85
CA ARG A 95 -7.96 4.89 -26.13
C ARG A 95 -7.59 4.23 -27.46
N SER A 105 -12.08 0.81 -25.19
CA SER A 105 -11.94 0.31 -23.83
C SER A 105 -10.50 -0.10 -23.53
N LEU A 107 -6.64 0.61 -23.21
CA LEU A 107 -5.76 1.74 -22.97
C LEU A 107 -4.33 1.48 -23.40
N ALA A 108 -3.67 2.53 -23.88
CA ALA A 108 -2.28 2.44 -24.30
C ALA A 108 -1.58 3.76 -24.03
N LEU A 109 -0.28 3.70 -23.81
CA LEU A 109 0.49 4.91 -23.55
C LEU A 109 0.59 5.71 -24.85
N SER A 110 0.56 7.03 -24.72
CA SER A 110 0.70 7.91 -25.89
C SER A 110 2.20 8.14 -25.97
N PRO A 111 2.67 8.78 -27.05
CA PRO A 111 4.11 9.03 -27.17
C PRO A 111 4.63 9.78 -25.93
N ALA A 112 3.79 10.67 -25.40
CA ALA A 112 4.14 11.44 -24.22
C ALA A 112 4.25 10.50 -23.01
N GLY A 113 3.27 9.61 -22.88
CA GLY A 113 3.28 8.67 -21.77
C GLY A 113 4.48 7.74 -21.85
N ARG A 114 4.84 7.36 -23.08
CA ARG A 114 5.98 6.49 -23.30
C ARG A 114 7.26 7.20 -22.84
N GLN A 115 7.33 8.49 -23.10
CA GLN A 115 8.51 9.26 -22.72
C GLN A 115 8.61 9.39 -21.20
N VAL A 116 7.48 9.49 -20.51
CA VAL A 116 7.50 9.58 -19.06
C VAL A 116 8.11 8.28 -18.53
N TYR A 117 7.61 7.16 -19.03
CA TYR A 117 8.08 5.84 -18.63
C TYR A 117 9.58 5.65 -18.87
N GLU A 118 10.03 5.98 -20.08
CA GLU A 118 11.44 5.82 -20.43
C GLU A 118 12.36 6.74 -19.65
N THR A 119 11.84 7.87 -19.18
CA THR A 119 12.63 8.81 -18.41
C THR A 119 12.67 8.43 -16.95
N VAL A 120 11.51 8.07 -16.41
CA VAL A 120 11.38 7.72 -14.99
C VAL A 120 11.84 6.32 -14.58
N ALA A 121 11.46 5.30 -15.34
CA ALA A 121 11.79 3.92 -15.00
C ALA A 121 13.25 3.66 -14.62
N PRO A 122 14.21 4.15 -15.43
CA PRO A 122 15.62 3.93 -15.10
C PRO A 122 16.00 4.48 -13.73
N LEU A 123 15.48 5.66 -13.40
CA LEU A 123 15.77 6.30 -12.12
C LEU A 123 15.12 5.53 -10.98
N VAL A 124 13.93 4.98 -11.23
CA VAL A 124 13.24 4.19 -10.23
C VAL A 124 14.03 2.92 -9.99
N ASN A 125 14.57 2.35 -11.06
CA ASN A 125 15.38 1.13 -10.96
C ASN A 125 16.61 1.38 -10.09
N GLU A 126 17.31 2.47 -10.36
CA GLU A 126 18.51 2.81 -9.60
C GLU A 126 18.19 3.08 -8.14
N GLU A 128 15.70 1.77 -6.44
CA GLU A 128 15.37 0.49 -5.83
C GLU A 128 16.64 -0.29 -5.51
N GLN A 129 17.65 -0.14 -6.36
CA GLN A 129 18.92 -0.83 -6.15
C GLN A 129 19.59 -0.29 -4.90
N ARG A 130 19.48 1.02 -4.68
CA ARG A 130 20.06 1.63 -3.49
C ARG A 130 19.34 1.11 -2.26
N LEU A 131 18.03 0.94 -2.37
CA LEU A 131 17.23 0.42 -1.27
C LEU A 131 17.65 -1.00 -0.90
N SER A 133 20.45 -2.44 -1.51
CA SER A 133 21.89 -2.57 -1.26
C SER A 133 22.19 -2.94 0.19
N VAL A 134 21.18 -2.82 1.07
CA VAL A 134 21.37 -3.16 2.47
C VAL A 134 21.42 -4.68 2.66
N PHE A 135 20.98 -5.41 1.65
CA PHE A 135 20.99 -6.87 1.70
C PHE A 135 22.07 -7.46 0.81
N SER A 136 22.44 -8.70 1.10
CA SER A 136 23.40 -9.42 0.30
C SER A 136 22.52 -10.20 -0.67
N ALA A 137 23.12 -10.79 -1.70
CA ALA A 137 22.34 -11.55 -2.67
C ALA A 137 21.46 -12.58 -1.97
N GLU A 138 22.02 -13.28 -0.99
CA GLU A 138 21.29 -14.30 -0.26
C GLU A 138 20.14 -13.76 0.59
N GLU A 139 20.35 -12.61 1.21
CA GLU A 139 19.31 -12.03 2.05
C GLU A 139 18.14 -11.57 1.20
N GLN A 140 18.44 -11.02 0.02
CA GLN A 140 17.40 -10.55 -0.88
C GLN A 140 16.57 -11.75 -1.33
N GLN A 141 17.26 -12.87 -1.59
CA GLN A 141 16.60 -14.10 -2.01
C GLN A 141 15.63 -14.55 -0.92
N THR A 142 16.11 -14.54 0.32
CA THR A 142 15.31 -14.95 1.45
C THR A 142 14.04 -14.10 1.57
N LEU A 143 14.21 -12.79 1.47
CA LEU A 143 13.07 -11.89 1.56
C LEU A 143 12.04 -12.24 0.49
N GLU A 144 12.51 -12.44 -0.74
CA GLU A 144 11.61 -12.76 -1.84
C GLU A 144 10.92 -14.11 -1.62
N ARG A 145 11.61 -15.03 -0.96
CA ARG A 145 11.07 -16.35 -0.68
C ARG A 145 9.95 -16.29 0.36
N LEU A 146 10.14 -15.47 1.39
CA LEU A 146 9.12 -15.32 2.43
C LEU A 146 7.91 -14.57 1.90
N ILE A 147 8.14 -13.54 1.08
CA ILE A 147 7.04 -12.77 0.50
C ILE A 147 6.21 -13.70 -0.38
N ASP A 148 6.89 -14.54 -1.15
CA ASP A 148 6.23 -15.50 -2.02
C ASP A 148 5.33 -16.42 -1.21
N ARG A 149 5.86 -16.93 -0.11
CA ARG A 149 5.13 -17.84 0.76
C ARG A 149 3.89 -17.18 1.34
N LEU A 150 4.04 -15.92 1.76
CA LEU A 150 2.94 -15.18 2.33
C LEU A 150 1.82 -15.03 1.30
N ALA A 151 2.20 -14.77 0.06
CA ALA A 151 1.23 -14.60 -1.02
C ALA A 151 0.57 -15.90 -1.45
N LYS A 152 1.36 -16.97 -1.56
CA LYS A 152 0.84 -18.26 -2.00
C LYS A 152 0.04 -19.04 -0.98
N ASP A 153 0.55 -19.16 0.25
CA ASP A 153 -0.16 -19.90 1.29
C ASP A 153 -0.82 -19.04 2.36
N GLY A 154 -0.24 -17.87 2.63
CA GLY A 154 -0.81 -17.00 3.64
C GLY A 154 -2.16 -16.40 3.29
N LEU A 155 -2.28 -15.83 2.09
CA LEU A 155 -3.54 -15.22 1.70
C LEU A 155 -4.76 -16.14 1.77
N PRO A 156 -4.70 -17.31 1.12
CA PRO A 156 -5.87 -18.20 1.20
C PRO A 156 -6.24 -18.62 2.62
N ARG A 157 -5.28 -18.56 3.54
CA ARG A 157 -5.54 -18.93 4.93
C ARG A 157 -6.40 -17.89 5.65
N ALA A 159 -8.93 -15.71 4.22
CA ALA A 159 -10.31 -15.82 3.77
C ALA A 159 -10.30 -16.11 2.27
N SER B 10 6.67 0.56 -33.41
CA SER B 10 7.98 0.65 -32.71
C SER B 10 8.00 -0.28 -31.50
N PRO B 11 9.19 -0.82 -31.18
CA PRO B 11 9.34 -1.71 -30.04
C PRO B 11 9.17 -0.96 -28.72
N HIS B 12 8.53 -1.61 -27.75
CA HIS B 12 8.30 -1.00 -26.44
C HIS B 12 9.11 -1.69 -25.37
N PRO B 13 10.33 -1.20 -25.12
CA PRO B 13 11.19 -1.80 -24.12
C PRO B 13 10.61 -1.83 -22.71
N VAL B 14 10.70 -2.99 -22.08
CA VAL B 14 10.24 -3.18 -20.71
C VAL B 14 11.40 -2.71 -19.85
N LEU B 15 11.15 -1.74 -18.97
CA LEU B 15 12.19 -1.19 -18.12
C LEU B 15 12.03 -1.56 -16.65
N LEU B 16 10.83 -2.02 -16.30
CA LEU B 16 10.53 -2.44 -14.94
C LEU B 16 9.76 -3.75 -15.01
N ASN B 17 10.43 -4.84 -14.66
CA ASN B 17 9.79 -6.15 -14.67
C ASN B 17 9.06 -6.23 -13.33
N LEU B 18 7.87 -5.65 -13.31
CA LEU B 18 7.04 -5.56 -12.12
C LEU B 18 6.92 -6.77 -11.22
N GLU B 19 6.60 -7.93 -11.79
CA GLU B 19 6.41 -9.13 -10.97
C GLU B 19 7.62 -9.56 -10.15
N GLN B 20 8.79 -9.02 -10.46
CA GLN B 20 9.99 -9.35 -9.70
C GLN B 20 10.61 -8.09 -9.11
N PHE B 21 9.81 -7.02 -9.08
CA PHE B 21 10.23 -5.73 -8.56
C PHE B 21 9.69 -5.57 -7.14
N LEU B 22 10.58 -5.61 -6.16
CA LEU B 22 10.22 -5.52 -4.74
C LEU B 22 9.14 -4.51 -4.36
N PRO B 23 9.29 -3.24 -4.76
CA PRO B 23 8.25 -2.25 -4.41
C PRO B 23 6.86 -2.64 -4.88
N TYR B 24 6.79 -3.18 -6.09
CA TYR B 24 5.52 -3.61 -6.66
C TYR B 24 4.99 -4.82 -5.90
N ARG B 25 5.84 -5.80 -5.70
N ARG B 25 5.84 -5.81 -5.69
CA ARG B 25 5.47 -7.03 -4.98
CA ARG B 25 5.46 -7.02 -4.98
C ARG B 25 4.92 -6.72 -3.59
C ARG B 25 4.92 -6.70 -3.59
N LEU B 26 5.57 -5.79 -2.89
CA LEU B 26 5.13 -5.42 -1.55
C LEU B 26 3.82 -4.63 -1.56
N SER B 27 3.65 -3.72 -2.51
CA SER B 27 2.42 -2.95 -2.59
C SER B 27 1.24 -3.85 -2.94
N VAL B 28 1.44 -4.76 -3.88
CA VAL B 28 0.35 -5.67 -4.25
C VAL B 28 -0.04 -6.59 -3.10
N LEU B 29 0.95 -7.19 -2.45
CA LEU B 29 0.67 -8.08 -1.32
C LEU B 29 -0.07 -7.33 -0.21
N SER B 30 0.39 -6.12 0.10
CA SER B 30 -0.25 -5.32 1.14
C SER B 30 -1.70 -5.03 0.78
N ASN B 31 -1.95 -4.70 -0.49
CA ASN B 31 -3.31 -4.41 -0.98
C ASN B 31 -4.21 -5.63 -0.77
N ARG B 32 -3.69 -6.82 -1.08
CA ARG B 32 -4.48 -8.04 -0.93
C ARG B 32 -4.74 -8.35 0.54
N ILE B 33 -3.74 -8.16 1.40
CA ILE B 33 -3.92 -8.42 2.83
C ILE B 33 -4.98 -7.47 3.39
N SER B 34 -4.88 -6.19 3.06
CA SER B 34 -5.85 -5.20 3.53
C SER B 34 -7.25 -5.52 3.00
N GLY B 35 -7.32 -5.96 1.76
CA GLY B 35 -8.60 -6.31 1.16
C GLY B 35 -9.26 -7.47 1.89
N ASN B 36 -8.45 -8.44 2.31
CA ASN B 36 -8.98 -9.60 3.02
C ASN B 36 -9.48 -9.20 4.41
N ILE B 37 -8.72 -8.34 5.09
CA ILE B 37 -9.10 -7.87 6.41
C ILE B 37 -10.38 -7.05 6.34
N ALA B 38 -10.59 -6.37 5.21
CA ALA B 38 -11.80 -5.55 5.05
C ALA B 38 -13.07 -6.39 4.96
N LYS B 39 -12.92 -7.68 4.66
CA LYS B 39 -14.10 -8.55 4.56
C LYS B 39 -14.76 -8.69 5.93
N VAL B 40 -14.00 -8.37 6.98
CA VAL B 40 -14.48 -8.45 8.35
C VAL B 40 -15.39 -7.29 8.76
N TYR B 41 -15.14 -6.10 8.22
CA TYR B 41 -15.92 -4.92 8.61
C TYR B 41 -16.52 -4.11 7.47
N GLY B 42 -16.04 -4.34 6.26
CA GLY B 42 -16.52 -3.61 5.10
C GLY B 42 -18.02 -3.43 4.96
N ASP B 43 -18.70 -4.51 4.60
CA ASP B 43 -20.14 -4.47 4.41
C ASP B 43 -20.91 -4.38 5.73
N ARG B 44 -20.34 -4.95 6.78
CA ARG B 44 -20.99 -4.94 8.08
C ARG B 44 -21.18 -3.52 8.60
N TYR B 45 -20.15 -2.69 8.48
CA TYR B 45 -20.24 -1.30 8.95
C TYR B 45 -20.15 -0.25 7.86
N GLY B 46 -20.20 -0.66 6.59
CA GLY B 46 -20.11 0.31 5.50
C GLY B 46 -18.91 1.21 5.73
N ALA B 48 -14.72 1.97 4.95
CA ALA B 48 -13.64 1.84 3.99
C ALA B 48 -12.32 1.48 4.67
N ILE B 49 -11.36 0.96 3.90
CA ILE B 49 -10.07 0.57 4.44
C ILE B 49 -9.36 1.69 5.19
N PRO B 50 -9.29 2.90 4.60
CA PRO B 50 -8.62 4.00 5.31
C PRO B 50 -9.33 4.43 6.60
N GLU B 51 -10.65 4.28 6.64
CA GLU B 51 -11.42 4.63 7.82
C GLU B 51 -11.08 3.68 8.96
N TRP B 52 -11.00 2.38 8.66
CA TRP B 52 -10.63 1.42 9.71
C TRP B 52 -9.22 1.74 10.20
N ARG B 53 -8.32 2.09 9.29
CA ARG B 53 -6.95 2.42 9.71
C ARG B 53 -6.93 3.58 10.71
N VAL B 54 -7.70 4.63 10.43
CA VAL B 54 -7.75 5.77 11.35
C VAL B 54 -8.23 5.30 12.72
N ILE B 55 -9.26 4.45 12.72
CA ILE B 55 -9.78 3.95 13.99
C ILE B 55 -8.70 3.21 14.78
N THR B 56 -7.97 2.32 14.12
CA THR B 56 -6.92 1.57 14.82
C THR B 56 -5.83 2.50 15.36
N ILE B 57 -5.52 3.55 14.60
CA ILE B 57 -4.49 4.49 15.03
C ILE B 57 -4.94 5.30 16.24
N LEU B 58 -6.18 5.80 16.22
CA LEU B 58 -6.67 6.59 17.33
C LEU B 58 -6.83 5.77 18.61
N ALA B 59 -7.02 4.46 18.47
CA ALA B 59 -7.16 3.60 19.65
C ALA B 59 -5.81 3.51 20.35
N LEU B 60 -4.74 3.41 19.56
CA LEU B 60 -3.38 3.31 20.07
C LEU B 60 -2.81 4.66 20.47
N TYR B 61 -3.11 5.69 19.67
CA TYR B 61 -2.61 7.03 19.90
C TYR B 61 -3.72 8.09 20.00
N PRO B 62 -4.51 8.05 21.09
CA PRO B 62 -5.60 9.02 21.27
C PRO B 62 -5.05 10.45 21.27
N GLY B 63 -5.73 11.35 20.56
CA GLY B 63 -5.26 12.72 20.52
C GLY B 63 -4.45 13.07 19.27
N SER B 64 -4.22 12.08 18.43
CA SER B 64 -3.48 12.29 17.18
C SER B 64 -4.21 13.24 16.25
N SER B 65 -3.46 13.95 15.43
CA SER B 65 -4.04 14.86 14.46
C SER B 65 -4.08 14.09 13.14
N ALA B 66 -4.87 14.57 12.17
CA ALA B 66 -4.94 13.89 10.90
C ALA B 66 -3.56 13.91 10.25
N SER B 67 -2.83 15.00 10.45
CA SER B 67 -1.48 15.13 9.88
C SER B 67 -0.56 14.02 10.39
N GLU B 68 -0.64 13.73 11.69
CA GLU B 68 0.19 12.69 12.29
C GLU B 68 -0.23 11.30 11.82
N VAL B 69 -1.52 11.12 11.57
CA VAL B 69 -2.02 9.82 11.08
C VAL B 69 -1.40 9.56 9.70
N SER B 70 -1.38 10.58 8.85
CA SER B 70 -0.81 10.45 7.50
C SER B 70 0.70 10.20 7.56
N ASP B 71 1.35 10.89 8.49
CA ASP B 71 2.79 10.77 8.68
C ASP B 71 3.22 9.35 9.02
N ARG B 72 2.72 8.84 10.14
CA ARG B 72 3.08 7.52 10.59
C ARG B 72 2.68 6.36 9.68
N THR B 73 1.61 6.53 8.90
CA THR B 73 1.17 5.46 8.00
C THR B 73 1.71 5.63 6.58
N ALA B 74 2.22 6.83 6.28
CA ALA B 74 2.73 7.16 4.96
C ALA B 74 1.60 7.10 3.93
N ASP B 76 -1.72 8.76 1.75
CA ASP B 76 -2.03 10.01 1.07
C ASP B 76 -2.79 10.89 2.06
N LYS B 77 -2.33 12.14 2.21
CA LYS B 77 -2.96 13.07 3.14
C LYS B 77 -4.43 13.36 2.80
N VAL B 78 -4.74 13.43 1.52
CA VAL B 78 -6.11 13.70 1.08
C VAL B 78 -7.01 12.54 1.47
N ALA B 79 -6.51 11.31 1.29
CA ALA B 79 -7.27 10.11 1.64
C ALA B 79 -7.53 10.07 3.13
N VAL B 80 -6.53 10.46 3.91
CA VAL B 80 -6.67 10.46 5.36
C VAL B 80 -7.69 11.51 5.82
N SER B 81 -7.63 12.69 5.23
CA SER B 81 -8.56 13.77 5.59
C SER B 81 -9.98 13.33 5.24
N ARG B 82 -10.12 12.66 4.10
CA ARG B 82 -11.44 12.19 3.67
C ARG B 82 -11.99 11.15 4.66
N ALA B 83 -11.14 10.22 5.09
CA ALA B 83 -11.57 9.19 6.04
C ALA B 83 -11.97 9.84 7.37
N VAL B 84 -11.18 10.80 7.82
CA VAL B 84 -11.46 11.50 9.08
C VAL B 84 -12.80 12.23 8.97
N ALA B 85 -13.02 12.89 7.84
CA ALA B 85 -14.27 13.62 7.62
C ALA B 85 -15.48 12.69 7.70
N ARG B 86 -15.38 11.54 7.05
CA ARG B 86 -16.46 10.56 7.06
C ARG B 86 -16.71 9.97 8.44
N LEU B 87 -15.64 9.68 9.18
CA LEU B 87 -15.78 9.11 10.52
C LEU B 87 -16.38 10.13 11.49
N LEU B 88 -16.10 11.41 11.26
CA LEU B 88 -16.66 12.46 12.11
C LEU B 88 -18.15 12.60 11.84
N GLU B 89 -18.53 12.52 10.57
CA GLU B 89 -19.93 12.65 10.19
C GLU B 89 -20.72 11.48 10.78
N ARG B 90 -20.08 10.32 10.84
CA ARG B 90 -20.71 9.12 11.37
C ARG B 90 -20.70 9.08 12.89
N GLY B 91 -19.89 9.94 13.49
CA GLY B 91 -19.81 9.99 14.94
C GLY B 91 -18.96 8.91 15.56
N PHE B 92 -18.09 8.28 14.76
CA PHE B 92 -17.22 7.22 15.29
C PHE B 92 -15.94 7.80 15.90
N ILE B 93 -15.61 9.04 15.54
CA ILE B 93 -14.45 9.71 16.15
C ILE B 93 -14.90 11.12 16.50
N ARG B 94 -14.14 11.80 17.34
CA ARG B 94 -14.50 13.14 17.74
C ARG B 94 -13.26 14.01 17.83
N ARG B 95 -13.46 15.33 17.72
CA ARG B 95 -12.34 16.26 17.80
C ARG B 95 -12.27 16.81 19.23
N GLU B 96 -11.04 16.98 19.73
CA GLU B 96 -10.79 17.49 21.07
C GLU B 96 -11.91 17.19 22.07
N SER B 105 -7.20 19.31 14.27
CA SER B 105 -6.76 19.35 15.66
C SER B 105 -6.58 17.93 16.23
N LEU B 107 -7.77 14.28 17.55
CA LEU B 107 -8.84 13.31 17.28
C LEU B 107 -8.80 12.13 18.23
N ALA B 108 -9.97 11.56 18.51
CA ALA B 108 -10.06 10.41 19.40
C ALA B 108 -11.30 9.60 19.05
N LEU B 109 -11.32 8.34 19.46
CA LEU B 109 -12.49 7.51 19.21
C LEU B 109 -13.62 7.96 20.12
N SER B 110 -14.84 7.87 19.62
CA SER B 110 -16.01 8.20 20.43
C SER B 110 -16.44 6.83 20.94
N PRO B 111 -17.35 6.78 21.93
CA PRO B 111 -17.79 5.48 22.43
C PRO B 111 -18.35 4.59 21.32
N ALA B 112 -18.97 5.21 20.32
CA ALA B 112 -19.55 4.45 19.21
C ALA B 112 -18.42 3.84 18.36
N GLY B 113 -17.38 4.62 18.13
CA GLY B 113 -16.26 4.12 17.36
C GLY B 113 -15.51 3.04 18.12
N ARG B 114 -15.44 3.16 19.44
CA ARG B 114 -14.75 2.18 20.26
C ARG B 114 -15.50 0.85 20.26
N GLN B 115 -16.83 0.93 20.21
CA GLN B 115 -17.65 -0.28 20.18
C GLN B 115 -17.36 -1.02 18.87
N VAL B 116 -17.21 -0.27 17.78
CA VAL B 116 -16.89 -0.88 16.50
C VAL B 116 -15.51 -1.51 16.59
N TYR B 117 -14.56 -0.76 17.13
CA TYR B 117 -13.18 -1.22 17.29
C TYR B 117 -13.10 -2.52 18.07
N GLU B 118 -13.78 -2.56 19.22
CA GLU B 118 -13.74 -3.75 20.07
C GLU B 118 -14.45 -4.95 19.44
N THR B 119 -15.35 -4.69 18.50
CA THR B 119 -16.07 -5.77 17.83
C THR B 119 -15.26 -6.33 16.66
N VAL B 120 -14.56 -5.44 15.96
CA VAL B 120 -13.79 -5.82 14.78
C VAL B 120 -12.36 -6.29 15.05
N ALA B 121 -11.66 -5.59 15.94
CA ALA B 121 -10.28 -5.91 16.27
C ALA B 121 -10.00 -7.40 16.51
N PRO B 122 -10.80 -8.05 17.36
CA PRO B 122 -10.59 -9.48 17.65
C PRO B 122 -10.57 -10.34 16.39
N LEU B 123 -11.52 -10.06 15.49
CA LEU B 123 -11.65 -10.79 14.23
C LEU B 123 -10.46 -10.53 13.31
N VAL B 124 -9.95 -9.30 13.33
CA VAL B 124 -8.80 -8.95 12.51
C VAL B 124 -7.55 -9.65 13.04
N ASN B 125 -7.41 -9.70 14.36
CA ASN B 125 -6.26 -10.38 14.96
C ASN B 125 -6.28 -11.86 14.58
N GLU B 126 -7.47 -12.44 14.60
CA GLU B 126 -7.65 -13.85 14.26
C GLU B 126 -7.20 -14.11 12.83
N GLU B 128 -5.12 -12.33 11.04
CA GLU B 128 -3.68 -12.12 10.93
C GLU B 128 -2.97 -13.37 11.44
N GLN B 129 -3.54 -13.99 12.47
CA GLN B 129 -2.95 -15.20 13.03
C GLN B 129 -2.92 -16.29 11.97
N ARG B 130 -4.04 -16.43 11.25
CA ARG B 130 -4.13 -17.43 10.20
C ARG B 130 -3.11 -17.13 9.10
N LEU B 131 -2.98 -15.86 8.75
CA LEU B 131 -2.02 -15.44 7.72
C LEU B 131 -0.59 -15.84 8.07
N SER B 133 0.38 -18.13 10.25
CA SER B 133 0.51 -19.53 10.65
C SER B 133 1.23 -20.39 9.61
N VAL B 134 1.44 -19.86 8.41
CA VAL B 134 2.13 -20.62 7.39
C VAL B 134 3.64 -20.47 7.53
N PHE B 135 4.04 -19.72 8.56
CA PHE B 135 5.46 -19.48 8.85
C PHE B 135 5.84 -20.04 10.22
N SER B 136 7.05 -20.57 10.32
CA SER B 136 7.54 -21.09 11.59
C SER B 136 7.94 -19.86 12.42
N ALA B 137 8.17 -20.05 13.72
CA ALA B 137 8.55 -18.93 14.57
C ALA B 137 9.79 -18.24 14.00
N GLU B 138 10.77 -19.03 13.59
CA GLU B 138 12.02 -18.50 13.03
C GLU B 138 11.79 -17.67 11.76
N GLU B 139 11.00 -18.22 10.83
CA GLU B 139 10.71 -17.53 9.58
C GLU B 139 10.01 -16.20 9.84
N GLN B 140 9.07 -16.22 10.76
CA GLN B 140 8.34 -15.00 11.12
C GLN B 140 9.32 -13.95 11.64
N GLN B 141 10.23 -14.38 12.52
CA GLN B 141 11.22 -13.48 13.08
C GLN B 141 12.13 -12.94 11.98
N THR B 142 12.50 -13.81 11.04
CA THR B 142 13.37 -13.42 9.94
C THR B 142 12.71 -12.34 9.08
N LEU B 143 11.44 -12.54 8.73
CA LEU B 143 10.72 -11.56 7.92
C LEU B 143 10.70 -10.20 8.60
N GLU B 144 10.26 -10.18 9.85
CA GLU B 144 10.19 -8.94 10.61
C GLU B 144 11.57 -8.28 10.68
N ARG B 145 12.61 -9.09 10.79
CA ARG B 145 13.98 -8.60 10.86
C ARG B 145 14.40 -7.96 9.54
N LEU B 146 14.06 -8.59 8.42
CA LEU B 146 14.41 -8.05 7.11
C LEU B 146 13.60 -6.79 6.84
N ILE B 147 12.34 -6.77 7.27
CA ILE B 147 11.49 -5.61 7.09
C ILE B 147 12.04 -4.42 7.88
N ASP B 148 12.45 -4.68 9.12
CA ASP B 148 13.01 -3.63 9.97
C ASP B 148 14.28 -3.06 9.36
N ARG B 149 15.09 -3.92 8.74
CA ARG B 149 16.32 -3.47 8.11
C ARG B 149 16.03 -2.56 6.92
N LEU B 150 15.03 -2.92 6.12
CA LEU B 150 14.66 -2.11 4.97
C LEU B 150 14.18 -0.74 5.42
N ALA B 151 13.38 -0.74 6.48
CA ALA B 151 12.82 0.51 7.01
C ALA B 151 13.88 1.40 7.63
N LYS B 152 14.75 0.82 8.45
CA LYS B 152 15.78 1.60 9.12
C LYS B 152 17.01 1.98 8.31
N ASP B 153 17.56 1.03 7.55
CA ASP B 153 18.77 1.32 6.78
C ASP B 153 18.57 1.41 5.27
N GLY B 154 17.48 0.84 4.76
CA GLY B 154 17.25 0.90 3.33
C GLY B 154 16.61 2.18 2.86
N LEU B 155 15.57 2.62 3.56
CA LEU B 155 14.86 3.84 3.18
C LEU B 155 15.74 5.08 3.01
N PRO B 156 16.64 5.34 3.97
CA PRO B 156 17.49 6.53 3.83
C PRO B 156 18.46 6.52 2.64
N ARG B 157 18.68 5.35 2.06
CA ARG B 157 19.59 5.24 0.92
C ARG B 157 18.91 5.53 -0.42
N ALA B 159 16.81 8.32 -1.47
CA ALA B 159 16.91 9.67 -2.00
C ALA B 159 18.16 9.85 -2.85
#